data_2HQY
#
_entry.id   2HQY
#
_cell.length_a   66.468
_cell.length_b   81.879
_cell.length_c   138.449
_cell.angle_alpha   90.00
_cell.angle_beta   90.00
_cell.angle_gamma   90.00
#
_symmetry.space_group_name_H-M   'P 21 21 21'
#
loop_
_entity.id
_entity.type
_entity.pdbx_description
1 polymer 'conserved hypothetical protein'
2 non-polymer 'COENZYME A'
3 water water
#
_entity_poly.entity_id   1
_entity_poly.type   'polypeptide(L)'
_entity_poly.pdbx_seq_one_letter_code
;MIPFKDITLADRDTITAFTMKSDRRNCDLSFSNLCSWRFLYDTQFAVIDDFLVFKFWAGEQLAYMMPVGNGDLKAVLRKL
IEDADKEKHNFCMLGVCSNMRADLEAILPERFIFTEDRAYADYIYLRSDLATLKGKKFQAKRNHINRFRNTYPDYEYTPI
TPDRIQECLDLEAEWCKVNNCDQQEGTGNERRALIYALHNFEALGLTGGILHVNGKIVAFTFGMPINHETFGVHVEKADT
SIDGAYAMINYEFANRIPEQYIYINREEDLGIEGLRKAKLSYQPVTILEKYMACLKDHPMDMVRW
;
_entity_poly.pdbx_strand_id   A,B
#
# COMPACT_ATOMS: atom_id res chain seq x y z
N MET A 1 18.08 -3.83 13.30
CA MET A 1 19.16 -2.87 13.36
C MET A 1 19.43 -2.37 11.96
N ILE A 2 18.82 -3.01 10.99
CA ILE A 2 18.67 -2.41 9.67
C ILE A 2 17.49 -1.44 9.74
N PRO A 3 17.76 -0.14 9.50
CA PRO A 3 16.72 0.86 9.61
C PRO A 3 15.86 0.84 8.33
N PHE A 4 15.13 -0.24 8.10
CA PHE A 4 14.26 -0.33 6.91
C PHE A 4 13.20 0.76 6.99
N LYS A 5 12.95 1.38 5.83
CA LYS A 5 11.87 2.33 5.74
C LYS A 5 11.00 2.07 4.53
N ASP A 6 9.73 2.42 4.67
CA ASP A 6 8.80 2.30 3.54
C ASP A 6 9.28 3.12 2.36
N ILE A 7 9.23 2.54 1.17
CA ILE A 7 9.60 3.30 -0.02
C ILE A 7 8.53 4.38 -0.32
N THR A 8 8.99 5.55 -0.74
CA THR A 8 8.07 6.63 -1.13
C THR A 8 8.60 7.40 -2.34
N LEU A 9 7.70 8.18 -2.97
CA LEU A 9 8.09 9.14 -4.02
C LEU A 9 9.33 9.97 -3.71
N ALA A 10 9.46 10.38 -2.46
CA ALA A 10 10.55 11.28 -2.04
C ALA A 10 11.92 10.61 -2.11
N ASP A 11 11.94 9.30 -2.26
CA ASP A 11 13.18 8.53 -2.23
C ASP A 11 13.80 8.32 -3.61
N ARG A 12 13.23 8.98 -4.61
CA ARG A 12 13.69 8.83 -5.98
C ARG A 12 15.20 9.03 -6.14
N ASP A 13 15.73 10.16 -5.64
CA ASP A 13 17.17 10.47 -5.78
C ASP A 13 18.04 9.43 -5.10
N THR A 14 17.64 9.01 -3.90
CA THR A 14 18.40 8.05 -3.11
C THR A 14 18.52 6.70 -3.83
N ILE A 15 17.38 6.19 -4.32
N ILE A 15 17.39 6.19 -4.33
CA ILE A 15 17.31 4.90 -5.01
CA ILE A 15 17.38 4.88 -4.99
C ILE A 15 18.07 4.94 -6.35
C ILE A 15 18.07 4.91 -6.37
N THR A 16 17.72 5.90 -7.19
CA THR A 16 18.28 5.97 -8.57
C THR A 16 19.76 6.26 -8.57
N ALA A 17 20.29 6.83 -7.48
CA ALA A 17 21.74 7.03 -7.37
C ALA A 17 22.46 5.67 -7.41
N PHE A 18 21.82 4.66 -6.81
CA PHE A 18 22.34 3.31 -6.82
C PHE A 18 22.00 2.57 -8.12
N THR A 19 20.75 2.62 -8.56
CA THR A 19 20.34 1.76 -9.68
C THR A 19 20.89 2.26 -11.02
N MET A 20 20.98 3.58 -11.23
CA MET A 20 21.32 4.03 -12.58
C MET A 20 22.74 3.58 -12.95
N LYS A 21 23.66 3.64 -11.99
CA LYS A 21 25.06 3.28 -12.26
C LYS A 21 25.29 1.78 -12.28
N SER A 22 24.29 1.00 -11.87
CA SER A 22 24.43 -0.46 -11.72
C SER A 22 24.32 -1.13 -13.08
N ASP A 23 24.70 -2.41 -13.15
CA ASP A 23 24.47 -3.14 -14.38
C ASP A 23 23.24 -4.05 -14.30
N ARG A 24 22.35 -3.72 -13.37
CA ARG A 24 21.09 -4.46 -13.20
C ARG A 24 20.02 -3.97 -14.16
N ARG A 25 19.44 -4.89 -14.94
CA ARG A 25 18.46 -4.50 -15.95
C ARG A 25 17.04 -4.96 -15.63
N ASN A 26 16.84 -5.60 -14.48
CA ASN A 26 15.50 -6.15 -14.24
C ASN A 26 14.47 -5.08 -13.84
N CYS A 27 13.26 -5.27 -14.36
CA CYS A 27 12.22 -4.24 -14.30
C CYS A 27 11.83 -3.97 -12.87
N ASP A 28 12.07 -4.93 -11.97
CA ASP A 28 11.69 -4.72 -10.57
C ASP A 28 12.50 -3.61 -9.90
N LEU A 29 13.59 -3.17 -10.54
CA LEU A 29 14.40 -2.08 -10.00
C LEU A 29 14.04 -0.68 -10.53
N SER A 30 13.04 -0.62 -11.41
CA SER A 30 12.47 0.68 -11.77
C SER A 30 11.86 1.34 -10.53
N PHE A 31 12.19 2.61 -10.34
CA PHE A 31 11.65 3.36 -9.22
C PHE A 31 10.12 3.38 -9.25
N SER A 32 9.52 3.57 -10.43
CA SER A 32 8.08 3.56 -10.55
C SER A 32 7.50 2.19 -10.13
N ASN A 33 8.13 1.11 -10.58
CA ASN A 33 7.62 -0.23 -10.21
C ASN A 33 7.74 -0.47 -8.70
N LEU A 34 8.84 -0.02 -8.11
CA LEU A 34 9.04 -0.16 -6.67
C LEU A 34 7.94 0.57 -5.87
N CYS A 35 7.63 1.82 -6.24
CA CYS A 35 6.62 2.56 -5.51
C CYS A 35 5.20 2.08 -5.81
N SER A 36 4.96 1.80 -7.10
N SER A 36 4.93 1.80 -7.09
CA SER A 36 3.61 1.50 -7.61
CA SER A 36 3.55 1.52 -7.50
C SER A 36 3.11 0.14 -7.11
C SER A 36 3.09 0.14 -7.08
N TRP A 37 4.04 -0.78 -6.83
CA TRP A 37 3.68 -2.11 -6.30
C TRP A 37 3.80 -2.24 -4.78
N ARG A 38 4.15 -1.13 -4.11
CA ARG A 38 4.28 -1.15 -2.64
C ARG A 38 2.96 -1.60 -1.96
N PHE A 39 1.83 -1.27 -2.58
CA PHE A 39 0.51 -1.60 -2.01
C PHE A 39 0.40 -3.11 -1.85
N LEU A 40 1.12 -3.88 -2.67
CA LEU A 40 0.98 -5.34 -2.63
C LEU A 40 2.00 -5.98 -1.67
N TYR A 41 3.18 -5.39 -1.61
CA TYR A 41 4.34 -6.02 -0.91
C TYR A 41 4.81 -5.34 0.37
N ASP A 42 4.16 -4.24 0.75
CA ASP A 42 4.59 -3.47 1.93
C ASP A 42 6.09 -3.16 1.85
N THR A 43 6.54 -2.75 0.66
CA THR A 43 7.96 -2.64 0.29
C THR A 43 8.74 -1.64 1.15
N GLN A 44 9.89 -2.09 1.64
CA GLN A 44 10.80 -1.21 2.39
C GLN A 44 12.21 -1.25 1.78
N PHE A 45 13.03 -0.26 2.10
CA PHE A 45 14.42 -0.26 1.66
C PHE A 45 15.32 0.28 2.76
N ALA A 46 16.61 0.02 2.60
CA ALA A 46 17.63 0.60 3.44
C ALA A 46 18.91 0.69 2.63
N VAL A 47 19.73 1.69 2.96
CA VAL A 47 21.13 1.62 2.61
C VAL A 47 21.89 1.01 3.82
N ILE A 48 22.58 -0.09 3.59
CA ILE A 48 23.47 -0.63 4.59
C ILE A 48 24.78 -1.08 3.96
N ASP A 49 25.90 -0.70 4.59
CA ASP A 49 27.22 -1.14 4.12
C ASP A 49 27.49 -0.71 2.65
N ASP A 50 27.07 0.49 2.24
CA ASP A 50 27.19 0.96 0.83
C ASP A 50 26.35 0.16 -0.24
N PHE A 51 25.40 -0.65 0.22
CA PHE A 51 24.48 -1.30 -0.71
C PHE A 51 23.05 -0.78 -0.49
N LEU A 52 22.26 -0.81 -1.55
CA LEU A 52 20.84 -0.53 -1.49
C LEU A 52 20.14 -1.88 -1.37
N VAL A 53 19.34 -2.05 -0.33
CA VAL A 53 18.62 -3.33 -0.11
C VAL A 53 17.11 -3.15 0.03
N PHE A 54 16.31 -4.08 -0.48
CA PHE A 54 14.84 -3.98 -0.44
C PHE A 54 14.32 -5.20 0.30
N LYS A 55 13.19 -5.01 1.00
CA LYS A 55 12.52 -6.04 1.80
C LYS A 55 11.04 -5.98 1.41
N PHE A 56 10.48 -7.15 1.06
CA PHE A 56 9.11 -7.33 0.53
C PHE A 56 8.40 -8.44 1.29
N TRP A 57 7.09 -8.30 1.43
CA TRP A 57 6.25 -9.40 1.90
C TRP A 57 5.36 -9.79 0.73
N ALA A 58 5.67 -10.95 0.14
CA ALA A 58 4.88 -11.51 -0.95
C ALA A 58 3.97 -12.52 -0.29
N GLY A 59 2.78 -12.06 0.13
CA GLY A 59 1.92 -12.86 0.97
C GLY A 59 2.72 -13.30 2.18
N GLU A 60 2.70 -14.60 2.48
CA GLU A 60 3.45 -15.18 3.60
C GLU A 60 4.97 -15.27 3.40
N GLN A 61 5.42 -15.01 2.17
CA GLN A 61 6.83 -15.12 1.82
C GLN A 61 7.56 -13.80 2.10
N LEU A 62 8.50 -13.82 3.05
CA LEU A 62 9.40 -12.66 3.25
C LEU A 62 10.49 -12.80 2.21
N ALA A 63 10.81 -11.71 1.51
CA ALA A 63 11.90 -11.79 0.54
C ALA A 63 12.70 -10.49 0.49
N TYR A 64 13.96 -10.62 0.10
CA TYR A 64 14.87 -9.46 -0.08
C TYR A 64 15.31 -9.46 -1.54
N MET A 65 15.69 -8.30 -2.06
CA MET A 65 16.26 -8.28 -3.39
C MET A 65 17.78 -8.53 -3.27
N MET A 66 18.42 -9.00 -4.35
CA MET A 66 19.88 -9.03 -4.38
C MET A 66 20.35 -7.59 -4.15
N PRO A 67 21.25 -7.36 -3.15
CA PRO A 67 21.78 -6.03 -2.87
C PRO A 67 22.36 -5.35 -4.11
N VAL A 68 22.06 -4.06 -4.24
CA VAL A 68 22.57 -3.26 -5.34
C VAL A 68 23.71 -2.40 -4.84
N GLY A 69 24.87 -2.54 -5.48
CA GLY A 69 26.03 -1.70 -5.14
C GLY A 69 27.32 -2.50 -5.15
N ASN A 70 28.35 -1.88 -4.59
CA ASN A 70 29.65 -2.52 -4.57
C ASN A 70 30.15 -2.48 -3.14
N GLY A 71 30.69 -3.57 -2.67
CA GLY A 71 31.24 -3.54 -1.34
C GLY A 71 31.40 -4.93 -0.88
N ASP A 72 31.33 -5.09 0.44
CA ASP A 72 31.50 -6.39 1.04
C ASP A 72 30.15 -7.11 1.02
N LEU A 73 29.92 -7.86 -0.06
CA LEU A 73 28.67 -8.57 -0.25
C LEU A 73 28.42 -9.57 0.88
N LYS A 74 29.46 -10.26 1.33
CA LYS A 74 29.27 -11.25 2.41
C LYS A 74 28.80 -10.59 3.71
N ALA A 75 29.35 -9.42 4.02
CA ALA A 75 28.96 -8.69 5.23
C ALA A 75 27.51 -8.27 5.15
N VAL A 76 27.08 -7.81 3.97
CA VAL A 76 25.71 -7.29 3.87
C VAL A 76 24.68 -8.42 3.91
N LEU A 77 25.01 -9.54 3.27
CA LEU A 77 24.19 -10.75 3.34
C LEU A 77 24.03 -11.27 4.75
N ARG A 78 25.12 -11.25 5.53
CA ARG A 78 25.04 -11.59 6.96
C ARG A 78 24.02 -10.72 7.69
N LYS A 79 24.03 -9.41 7.44
CA LYS A 79 23.07 -8.51 8.06
C LYS A 79 21.61 -8.83 7.64
N LEU A 80 21.41 -9.17 6.37
CA LEU A 80 20.07 -9.51 5.86
C LEU A 80 19.57 -10.85 6.43
N ILE A 81 20.48 -11.82 6.58
CA ILE A 81 20.12 -13.11 7.19
C ILE A 81 19.66 -12.90 8.64
N GLU A 82 20.37 -12.02 9.35
CA GLU A 82 20.02 -11.70 10.73
C GLU A 82 18.66 -11.03 10.79
N ASP A 83 18.37 -10.20 9.79
CA ASP A 83 17.06 -9.56 9.70
C ASP A 83 15.98 -10.62 9.52
N ALA A 84 16.21 -11.57 8.61
CA ALA A 84 15.25 -12.65 8.37
C ALA A 84 15.05 -13.47 9.65
N ASP A 85 16.14 -13.75 10.36
CA ASP A 85 16.05 -14.45 11.67
C ASP A 85 15.10 -13.72 12.62
N LYS A 86 15.25 -12.40 12.73
N LYS A 86 15.26 -12.40 12.71
CA LYS A 86 14.36 -11.59 13.57
CA LYS A 86 14.39 -11.54 13.52
C LYS A 86 12.90 -11.68 13.15
C LYS A 86 12.92 -11.73 13.14
N GLU A 87 12.67 -11.81 11.84
CA GLU A 87 11.33 -11.96 11.31
C GLU A 87 10.80 -13.40 11.47
N LYS A 88 11.70 -14.30 11.88
CA LYS A 88 11.39 -15.74 12.08
C LYS A 88 11.05 -16.41 10.75
N HIS A 89 11.77 -16.00 9.70
CA HIS A 89 11.58 -16.57 8.37
C HIS A 89 12.95 -16.97 7.83
N ASN A 90 12.97 -17.99 6.98
N ASN A 90 12.97 -17.97 6.96
CA ASN A 90 14.20 -18.30 6.27
CA ASN A 90 14.20 -18.34 6.26
C ASN A 90 14.57 -17.08 5.41
C ASN A 90 14.56 -17.27 5.21
N PHE A 91 15.85 -16.98 5.07
CA PHE A 91 16.32 -15.92 4.18
C PHE A 91 16.19 -16.37 2.72
N CYS A 92 15.46 -15.59 1.93
CA CYS A 92 15.30 -15.81 0.50
C CYS A 92 15.47 -14.49 -0.21
N MET A 93 16.21 -14.53 -1.30
CA MET A 93 16.44 -13.35 -2.16
C MET A 93 15.82 -13.57 -3.50
N LEU A 94 15.32 -12.46 -4.07
CA LEU A 94 14.71 -12.43 -5.41
C LEU A 94 15.57 -11.64 -6.39
N GLY A 95 15.27 -11.82 -7.69
CA GLY A 95 15.91 -11.05 -8.78
C GLY A 95 17.38 -11.34 -8.96
N VAL A 96 17.78 -12.52 -8.53
CA VAL A 96 19.14 -12.95 -8.70
C VAL A 96 19.27 -13.36 -10.15
N CYS A 97 19.95 -12.54 -10.94
N CYS A 97 19.99 -12.54 -10.91
CA CYS A 97 20.16 -12.88 -12.35
CA CYS A 97 20.27 -12.83 -12.31
C CYS A 97 21.29 -13.89 -12.43
C CYS A 97 21.26 -13.97 -12.41
N SER A 98 21.47 -14.48 -13.61
CA SER A 98 22.44 -15.53 -13.86
C SER A 98 23.84 -15.09 -13.41
N ASN A 99 24.21 -13.86 -13.75
CA ASN A 99 25.48 -13.27 -13.31
C ASN A 99 25.56 -13.07 -11.80
N MET A 100 24.49 -12.57 -11.19
CA MET A 100 24.46 -12.37 -9.73
C MET A 100 24.53 -13.71 -8.99
N ARG A 101 23.93 -14.75 -9.58
CA ARG A 101 23.99 -16.10 -9.05
C ARG A 101 25.43 -16.60 -9.00
N ALA A 102 26.20 -16.28 -10.04
CA ALA A 102 27.61 -16.66 -10.11
C ALA A 102 28.42 -15.98 -9.01
N ASP A 103 28.08 -14.71 -8.74
CA ASP A 103 28.73 -13.92 -7.69
C ASP A 103 28.49 -14.55 -6.33
N LEU A 104 27.24 -14.96 -6.09
CA LEU A 104 26.81 -15.57 -4.84
C LEU A 104 27.50 -16.88 -4.55
N GLU A 105 27.63 -17.71 -5.60
CA GLU A 105 28.20 -19.04 -5.49
C GLU A 105 29.70 -18.96 -5.25
N ALA A 106 30.30 -17.84 -5.66
CA ALA A 106 31.72 -17.59 -5.44
C ALA A 106 32.03 -17.27 -3.97
N ILE A 107 31.27 -16.32 -3.40
CA ILE A 107 31.49 -15.89 -2.01
C ILE A 107 30.92 -16.88 -0.99
N LEU A 108 29.78 -17.50 -1.34
CA LEU A 108 29.09 -18.44 -0.44
C LEU A 108 28.72 -19.75 -1.16
N PRO A 109 29.73 -20.62 -1.44
CA PRO A 109 29.47 -21.83 -2.21
C PRO A 109 28.58 -22.84 -1.47
N GLU A 110 27.58 -23.37 -2.21
CA GLU A 110 26.64 -24.38 -1.71
C GLU A 110 25.78 -23.96 -0.51
N ARG A 111 25.72 -22.66 -0.22
CA ARG A 111 24.87 -22.15 0.87
C ARG A 111 23.44 -21.88 0.41
N PHE A 112 23.23 -21.70 -0.88
CA PHE A 112 21.89 -21.34 -1.38
C PHE A 112 21.25 -22.40 -2.26
N ILE A 113 19.94 -22.58 -2.12
CA ILE A 113 19.14 -23.32 -3.11
C ILE A 113 18.59 -22.31 -4.12
N PHE A 114 18.85 -22.55 -5.41
CA PHE A 114 18.37 -21.65 -6.49
C PHE A 114 17.20 -22.24 -7.27
N THR A 115 16.11 -21.50 -7.36
CA THR A 115 14.94 -21.93 -8.14
C THR A 115 14.57 -20.81 -9.12
N GLU A 116 13.93 -21.17 -10.22
CA GLU A 116 13.65 -20.22 -11.27
C GLU A 116 12.24 -20.51 -11.79
N ASP A 117 11.54 -19.46 -12.20
CA ASP A 117 10.23 -19.61 -12.80
C ASP A 117 10.22 -18.74 -14.04
N ARG A 118 10.18 -19.39 -15.20
CA ARG A 118 10.22 -18.73 -16.50
C ARG A 118 9.10 -17.66 -16.66
N ALA A 119 8.01 -17.82 -15.92
CA ALA A 119 6.91 -16.86 -15.90
C ALA A 119 7.36 -15.47 -15.52
N TYR A 120 8.45 -15.40 -14.75
CA TYR A 120 8.96 -14.13 -14.24
C TYR A 120 10.18 -13.54 -14.93
N ALA A 121 10.63 -14.19 -16.00
CA ALA A 121 11.75 -13.67 -16.79
C ALA A 121 11.33 -12.38 -17.49
N ASP A 122 12.26 -11.43 -17.64
CA ASP A 122 12.01 -10.19 -18.36
C ASP A 122 12.43 -10.33 -19.81
N TYR A 123 11.62 -9.75 -20.69
CA TYR A 123 11.94 -9.67 -22.10
C TYR A 123 12.71 -8.36 -22.35
N ILE A 124 13.92 -8.49 -22.89
CA ILE A 124 14.80 -7.36 -23.20
C ILE A 124 15.05 -7.27 -24.72
N TYR A 125 14.85 -6.08 -25.26
CA TYR A 125 14.94 -5.80 -26.70
C TYR A 125 15.93 -4.66 -26.94
N LEU A 126 16.46 -4.58 -28.15
CA LEU A 126 17.24 -3.41 -28.57
C LEU A 126 16.29 -2.28 -28.87
N ARG A 127 16.54 -1.11 -28.31
CA ARG A 127 15.76 0.08 -28.67
C ARG A 127 15.81 0.32 -30.18
N SER A 128 16.98 0.12 -30.78
CA SER A 128 17.16 0.21 -32.22
C SER A 128 16.20 -0.70 -33.03
N ASP A 129 15.94 -1.91 -32.57
CA ASP A 129 14.98 -2.81 -33.23
C ASP A 129 13.54 -2.27 -33.13
N LEU A 130 13.12 -1.95 -31.91
CA LEU A 130 11.74 -1.54 -31.66
C LEU A 130 11.43 -0.17 -32.29
N ALA A 131 12.44 0.71 -32.37
CA ALA A 131 12.23 2.08 -32.92
C ALA A 131 12.23 2.10 -34.45
N THR A 132 12.86 1.10 -35.07
CA THR A 132 13.02 1.12 -36.55
C THR A 132 12.25 -0.03 -37.23
N LEU A 133 12.04 -1.12 -36.50
CA LEU A 133 11.50 -2.38 -37.05
C LEU A 133 12.19 -2.80 -38.36
N LYS A 134 13.50 -2.63 -38.43
CA LYS A 134 14.25 -2.91 -39.67
C LYS A 134 14.58 -4.40 -39.79
N GLY A 135 14.60 -4.90 -41.02
CA GLY A 135 15.08 -6.25 -41.30
C GLY A 135 14.00 -7.30 -41.48
N LYS A 136 14.38 -8.46 -42.03
CA LYS A 136 13.44 -9.55 -42.29
C LYS A 136 12.61 -9.99 -41.08
N LYS A 137 13.25 -10.10 -39.92
CA LYS A 137 12.54 -10.58 -38.72
C LYS A 137 11.45 -9.65 -38.20
N PHE A 138 11.46 -8.39 -38.64
CA PHE A 138 10.43 -7.43 -38.25
C PHE A 138 9.44 -7.09 -39.36
N GLN A 139 9.43 -7.88 -40.45
CA GLN A 139 8.52 -7.63 -41.56
C GLN A 139 7.04 -7.62 -41.16
N ALA A 140 6.59 -8.61 -40.38
CA ALA A 140 5.21 -8.63 -39.88
C ALA A 140 4.88 -7.38 -39.05
N LYS A 141 5.84 -6.93 -38.24
CA LYS A 141 5.60 -5.75 -37.39
C LYS A 141 5.45 -4.48 -38.24
N ARG A 142 6.28 -4.35 -39.28
CA ARG A 142 6.17 -3.26 -40.24
C ARG A 142 4.83 -3.29 -40.94
N ASN A 143 4.38 -4.50 -41.30
CA ASN A 143 3.07 -4.68 -41.93
CA ASN A 143 3.06 -4.67 -41.92
C ASN A 143 1.91 -4.15 -41.06
N HIS A 144 1.96 -4.43 -39.74
CA HIS A 144 0.91 -3.97 -38.81
C HIS A 144 0.90 -2.44 -38.74
N ILE A 145 2.08 -1.84 -38.71
CA ILE A 145 2.23 -0.38 -38.62
C ILE A 145 1.65 0.25 -39.89
N ASN A 146 1.99 -0.36 -41.03
CA ASN A 146 1.57 0.15 -42.33
C ASN A 146 0.06 0.05 -42.52
N ARG A 147 -0.52 -1.07 -42.09
CA ARG A 147 -1.98 -1.28 -42.07
C ARG A 147 -2.69 -0.24 -41.19
N PHE A 148 -2.10 0.02 -40.02
CA PHE A 148 -2.62 1.02 -39.11
C PHE A 148 -2.64 2.41 -39.76
N ARG A 149 -1.51 2.81 -40.35
CA ARG A 149 -1.39 4.11 -41.01
C ARG A 149 -2.42 4.24 -42.13
N ASN A 150 -2.59 3.16 -42.90
CA ASN A 150 -3.56 3.14 -44.00
C ASN A 150 -5.00 3.24 -43.52
N THR A 151 -5.32 2.53 -42.45
CA THR A 151 -6.68 2.52 -41.92
C THR A 151 -6.98 3.83 -41.19
N TYR A 152 -5.98 4.33 -40.45
CA TYR A 152 -6.15 5.52 -39.62
C TYR A 152 -5.09 6.59 -39.95
N PRO A 153 -5.15 7.16 -41.16
CA PRO A 153 -4.05 8.02 -41.67
C PRO A 153 -3.83 9.31 -40.86
N ASP A 154 -4.87 9.70 -40.12
CA ASP A 154 -4.90 10.92 -39.33
C ASP A 154 -4.89 10.61 -37.80
N TYR A 155 -4.32 9.48 -37.46
CA TYR A 155 -4.13 9.19 -36.03
C TYR A 155 -3.23 10.26 -35.39
N GLU A 156 -3.29 10.39 -34.06
CA GLU A 156 -2.47 11.35 -33.36
C GLU A 156 -1.82 10.69 -32.14
N TYR A 157 -0.50 10.70 -32.11
CA TYR A 157 0.25 10.28 -30.94
C TYR A 157 0.66 11.52 -30.14
N THR A 158 0.43 11.47 -28.83
CA THR A 158 0.81 12.54 -27.93
CA THR A 158 0.84 12.54 -27.95
C THR A 158 1.57 11.98 -26.73
N PRO A 159 2.54 12.75 -26.19
CA PRO A 159 3.14 12.37 -24.92
C PRO A 159 2.08 12.47 -23.81
N ILE A 160 2.28 11.70 -22.75
CA ILE A 160 1.44 11.87 -21.57
C ILE A 160 1.85 13.18 -20.88
N THR A 161 0.88 14.08 -20.74
CA THR A 161 1.07 15.35 -20.03
C THR A 161 0.06 15.34 -18.89
N PRO A 162 0.23 16.27 -17.93
CA PRO A 162 -0.73 16.34 -16.82
C PRO A 162 -2.18 16.42 -17.23
N ASP A 163 -2.51 17.20 -18.26
CA ASP A 163 -3.91 17.33 -18.68
C ASP A 163 -4.46 16.08 -19.36
N ARG A 164 -3.58 15.17 -19.75
CA ARG A 164 -3.97 13.95 -20.43
C ARG A 164 -3.95 12.69 -19.54
N ILE A 165 -3.66 12.87 -18.25
CA ILE A 165 -3.68 11.75 -17.31
CA ILE A 165 -3.69 11.74 -17.31
C ILE A 165 -5.09 11.17 -17.23
N GLN A 166 -6.10 12.06 -17.16
CA GLN A 166 -7.48 11.58 -17.03
C GLN A 166 -7.92 10.65 -18.18
N GLU A 167 -7.52 10.96 -19.42
CA GLU A 167 -7.98 10.06 -20.49
C GLU A 167 -7.32 8.68 -20.40
N CYS A 168 -6.09 8.63 -19.89
CA CYS A 168 -5.43 7.33 -19.63
C CYS A 168 -6.22 6.57 -18.55
N LEU A 169 -6.61 7.28 -17.49
CA LEU A 169 -7.38 6.64 -16.42
C LEU A 169 -8.72 6.13 -16.98
N ASP A 170 -9.31 6.91 -17.89
CA ASP A 170 -10.61 6.56 -18.52
C ASP A 170 -10.46 5.29 -19.36
N LEU A 171 -9.37 5.20 -20.14
CA LEU A 171 -9.13 3.99 -20.95
CA LEU A 171 -9.14 3.99 -20.96
C LEU A 171 -8.92 2.78 -20.04
N GLU A 172 -8.14 2.97 -18.98
CA GLU A 172 -7.91 1.88 -18.03
C GLU A 172 -9.26 1.38 -17.43
N ALA A 173 -10.15 2.31 -17.08
CA ALA A 173 -11.46 1.96 -16.49
C ALA A 173 -12.28 1.15 -17.49
N GLU A 174 -12.20 1.51 -18.77
CA GLU A 174 -12.93 0.77 -19.79
C GLU A 174 -12.32 -0.60 -19.98
N TRP A 175 -11.00 -0.66 -20.00
CA TRP A 175 -10.27 -1.93 -20.20
C TRP A 175 -10.57 -2.88 -19.04
N CYS A 176 -10.59 -2.34 -17.83
CA CYS A 176 -10.86 -3.16 -16.63
C CYS A 176 -12.32 -3.64 -16.57
N LYS A 177 -13.24 -2.83 -17.12
CA LYS A 177 -14.65 -3.26 -17.20
C LYS A 177 -14.73 -4.49 -18.10
N VAL A 178 -14.08 -4.43 -19.26
CA VAL A 178 -14.04 -5.55 -20.22
C VAL A 178 -13.37 -6.78 -19.58
N ASN A 179 -12.24 -6.55 -18.92
CA ASN A 179 -11.36 -7.64 -18.46
C ASN A 179 -11.69 -8.15 -17.04
N ASN A 180 -12.68 -7.54 -16.42
CA ASN A 180 -13.08 -7.93 -15.05
C ASN A 180 -11.94 -7.82 -14.02
N CYS A 181 -11.30 -6.66 -13.99
CA CYS A 181 -10.28 -6.44 -12.97
C CYS A 181 -10.82 -6.50 -11.55
N ASP A 182 -12.10 -6.20 -11.35
CA ASP A 182 -12.71 -6.31 -10.01
C ASP A 182 -12.57 -7.73 -9.41
N GLN A 183 -12.61 -8.76 -10.26
CA GLN A 183 -12.50 -10.13 -9.76
C GLN A 183 -11.22 -10.89 -10.12
N GLN A 184 -10.51 -10.45 -11.18
CA GLN A 184 -9.31 -11.13 -11.63
C GLN A 184 -8.17 -10.57 -10.78
N GLU A 185 -7.61 -11.42 -9.93
CA GLU A 185 -6.56 -10.95 -8.99
C GLU A 185 -5.40 -10.23 -9.66
N GLY A 186 -4.88 -10.80 -10.74
CA GLY A 186 -3.65 -10.27 -11.37
C GLY A 186 -3.85 -8.88 -11.95
N THR A 187 -4.95 -8.72 -12.68
CA THR A 187 -5.17 -7.49 -13.40
C THR A 187 -5.79 -6.44 -12.44
N GLY A 188 -6.50 -6.91 -11.40
CA GLY A 188 -6.88 -6.05 -10.26
C GLY A 188 -5.69 -5.44 -9.55
N ASN A 189 -4.66 -6.26 -9.31
CA ASN A 189 -3.42 -5.76 -8.72
C ASN A 189 -2.72 -4.81 -9.70
N GLU A 190 -2.70 -5.17 -10.99
CA GLU A 190 -2.06 -4.28 -11.96
C GLU A 190 -2.75 -2.92 -11.95
N ARG A 191 -4.08 -2.92 -11.90
CA ARG A 191 -4.84 -1.67 -11.85
C ARG A 191 -4.39 -0.78 -10.69
N ARG A 192 -4.20 -1.35 -9.50
CA ARG A 192 -3.73 -0.55 -8.34
C ARG A 192 -2.37 0.11 -8.63
N ALA A 193 -1.45 -0.65 -9.24
CA ALA A 193 -0.12 -0.12 -9.55
C ALA A 193 -0.18 0.94 -10.66
N LEU A 194 -1.02 0.69 -11.66
CA LEU A 194 -1.12 1.60 -12.80
C LEU A 194 -1.70 2.95 -12.36
N ILE A 195 -2.74 2.89 -11.55
CA ILE A 195 -3.40 4.09 -11.08
C ILE A 195 -2.46 4.91 -10.17
N TYR A 196 -1.73 4.25 -9.28
CA TYR A 196 -0.73 4.97 -8.46
C TYR A 196 0.27 5.68 -9.36
N ALA A 197 0.78 4.97 -10.37
CA ALA A 197 1.74 5.56 -11.30
C ALA A 197 1.20 6.78 -12.03
N LEU A 198 -0.03 6.68 -12.54
CA LEU A 198 -0.68 7.83 -13.23
C LEU A 198 -0.91 9.00 -12.28
N HIS A 199 -1.43 8.71 -11.08
CA HIS A 199 -1.66 9.78 -10.10
C HIS A 199 -0.35 10.49 -9.67
N ASN A 200 0.76 9.76 -9.67
CA ASN A 200 2.04 10.31 -9.24
C ASN A 200 3.07 10.39 -10.38
N PHE A 201 2.59 10.60 -11.58
CA PHE A 201 3.38 10.40 -12.79
C PHE A 201 4.69 11.22 -12.81
N GLU A 202 4.57 12.52 -12.54
CA GLU A 202 5.73 13.40 -12.60
C GLU A 202 6.71 13.15 -11.48
N ALA A 203 6.18 12.95 -10.26
CA ALA A 203 7.05 12.69 -9.11
C ALA A 203 7.90 11.44 -9.32
N LEU A 204 7.31 10.41 -9.93
CA LEU A 204 8.02 9.15 -10.18
C LEU A 204 9.11 9.25 -11.24
N GLY A 205 8.99 10.21 -12.16
CA GLY A 205 9.94 10.34 -13.27
C GLY A 205 9.53 9.59 -14.54
N LEU A 206 8.23 9.30 -14.67
CA LEU A 206 7.76 8.51 -15.79
C LEU A 206 7.61 9.36 -17.05
N THR A 207 7.74 8.72 -18.21
CA THR A 207 7.34 9.33 -19.47
C THR A 207 6.38 8.40 -20.15
N GLY A 208 5.53 8.93 -21.04
CA GLY A 208 4.58 8.04 -21.68
C GLY A 208 4.04 8.58 -22.96
N GLY A 209 3.16 7.81 -23.57
CA GLY A 209 2.55 8.25 -24.86
C GLY A 209 1.12 7.78 -24.92
N ILE A 210 0.35 8.42 -25.79
CA ILE A 210 -1.07 8.17 -25.98
C ILE A 210 -1.34 8.18 -27.50
N LEU A 211 -2.16 7.24 -27.94
CA LEU A 211 -2.63 7.17 -29.31
C LEU A 211 -4.11 7.55 -29.33
N HIS A 212 -4.47 8.46 -30.25
CA HIS A 212 -5.85 8.83 -30.49
C HIS A 212 -6.23 8.48 -31.94
N VAL A 213 -7.43 7.93 -32.10
CA VAL A 213 -8.02 7.67 -33.43
C VAL A 213 -9.44 8.21 -33.42
N ASN A 214 -9.81 8.88 -34.52
CA ASN A 214 -11.13 9.50 -34.65
C ASN A 214 -11.60 10.26 -33.40
N GLY A 215 -10.69 11.03 -32.78
CA GLY A 215 -11.05 11.91 -31.67
C GLY A 215 -11.06 11.31 -30.26
N LYS A 216 -10.75 10.03 -30.12
CA LYS A 216 -10.71 9.41 -28.78
C LYS A 216 -9.43 8.63 -28.53
N ILE A 217 -9.07 8.56 -27.26
CA ILE A 217 -7.93 7.76 -26.86
C ILE A 217 -8.18 6.28 -27.15
N VAL A 218 -7.20 5.64 -27.77
CA VAL A 218 -7.29 4.20 -28.04
C VAL A 218 -6.12 3.38 -27.49
N ALA A 219 -5.09 4.03 -26.98
CA ALA A 219 -3.98 3.31 -26.33
C ALA A 219 -3.17 4.28 -25.49
N PHE A 220 -2.50 3.77 -24.45
CA PHE A 220 -1.45 4.55 -23.77
C PHE A 220 -0.37 3.61 -23.25
N THR A 221 0.78 4.18 -22.93
CA THR A 221 1.94 3.40 -22.46
C THR A 221 2.79 4.31 -21.65
N PHE A 222 3.52 3.77 -20.66
CA PHE A 222 4.47 4.57 -19.92
C PHE A 222 5.59 3.69 -19.36
N GLY A 223 6.67 4.36 -18.98
CA GLY A 223 7.83 3.68 -18.39
C GLY A 223 8.86 4.70 -17.98
N MET A 224 9.99 4.19 -17.53
CA MET A 224 11.12 5.07 -17.21
C MET A 224 12.40 4.27 -17.19
N PRO A 225 13.55 4.95 -17.03
CA PRO A 225 14.82 4.21 -16.99
C PRO A 225 14.89 3.21 -15.81
N ILE A 226 15.55 2.08 -16.05
CA ILE A 226 15.89 1.10 -15.01
C ILE A 226 17.36 1.29 -14.61
N ASN A 227 18.22 1.36 -15.61
CA ASN A 227 19.60 1.77 -15.34
C ASN A 227 20.08 2.67 -16.47
N HIS A 228 21.37 3.00 -16.46
CA HIS A 228 21.92 3.97 -17.41
C HIS A 228 21.71 3.61 -18.88
N GLU A 229 21.58 2.35 -19.20
CA GLU A 229 21.36 1.88 -20.56
C GLU A 229 20.09 1.03 -20.85
N THR A 230 19.16 1.02 -19.91
CA THR A 230 17.96 0.20 -20.02
C THR A 230 16.75 1.03 -19.62
N PHE A 231 15.79 1.13 -20.53
CA PHE A 231 14.52 1.81 -20.26
C PHE A 231 13.46 0.73 -20.08
N GLY A 232 12.56 0.89 -19.09
CA GLY A 232 11.54 -0.12 -18.86
C GLY A 232 10.20 0.43 -19.33
N VAL A 233 9.47 -0.36 -20.10
CA VAL A 233 8.11 -0.03 -20.44
C VAL A 233 7.21 -0.80 -19.45
N HIS A 234 6.53 -0.08 -18.58
CA HIS A 234 5.80 -0.74 -17.46
C HIS A 234 4.36 -1.11 -17.79
N VAL A 235 3.73 -0.31 -18.64
CA VAL A 235 2.29 -0.47 -18.94
C VAL A 235 2.12 -0.21 -20.42
N GLU A 236 1.26 -1.02 -21.05
CA GLU A 236 0.76 -0.73 -22.38
C GLU A 236 -0.68 -1.25 -22.47
N LYS A 237 -1.63 -0.35 -22.75
CA LYS A 237 -3.05 -0.70 -22.82
C LYS A 237 -3.63 -0.15 -24.08
N ALA A 238 -4.52 -0.92 -24.71
CA ALA A 238 -5.19 -0.47 -25.91
C ALA A 238 -6.63 -0.94 -25.94
N ASP A 239 -7.48 -0.12 -26.58
CA ASP A 239 -8.86 -0.48 -26.90
C ASP A 239 -8.76 -1.63 -27.91
N THR A 240 -9.35 -2.76 -27.57
CA THR A 240 -9.14 -3.98 -28.36
C THR A 240 -9.84 -3.98 -29.72
N SER A 241 -10.88 -3.16 -29.84
CA SER A 241 -11.59 -3.05 -31.12
C SER A 241 -10.83 -2.23 -32.17
N ILE A 242 -9.64 -1.73 -31.81
CA ILE A 242 -8.79 -1.01 -32.76
C ILE A 242 -7.58 -1.87 -33.14
N ASP A 243 -7.61 -2.39 -34.37
CA ASP A 243 -6.56 -3.24 -34.92
C ASP A 243 -5.27 -2.46 -35.14
N GLY A 244 -4.16 -2.91 -34.55
CA GLY A 244 -2.85 -2.29 -34.79
C GLY A 244 -2.45 -1.25 -33.76
N ALA A 245 -3.35 -0.97 -32.83
CA ALA A 245 -3.05 0.05 -31.84
C ALA A 245 -1.89 -0.34 -30.93
N TYR A 246 -1.82 -1.58 -30.48
CA TYR A 246 -0.65 -2.02 -29.67
C TYR A 246 0.66 -1.86 -30.46
N ALA A 247 0.67 -2.27 -31.73
CA ALA A 247 1.88 -2.12 -32.56
C ALA A 247 2.28 -0.65 -32.72
N MET A 248 1.31 0.22 -33.03
CA MET A 248 1.63 1.63 -33.30
C MET A 248 2.13 2.36 -32.04
N ILE A 249 1.49 2.13 -30.90
CA ILE A 249 1.92 2.84 -29.67
C ILE A 249 3.31 2.40 -29.21
N ASN A 250 3.59 1.11 -29.36
CA ASN A 250 4.90 0.53 -29.09
C ASN A 250 5.97 1.27 -29.94
N TYR A 251 5.75 1.32 -31.27
CA TYR A 251 6.64 2.00 -32.21
C TYR A 251 6.80 3.50 -31.90
N GLU A 252 5.70 4.22 -31.71
CA GLU A 252 5.83 5.68 -31.46
C GLU A 252 6.60 5.95 -30.17
N PHE A 253 6.27 5.21 -29.10
CA PHE A 253 6.92 5.49 -27.84
C PHE A 253 8.40 5.06 -27.86
N ALA A 254 8.73 3.97 -28.57
CA ALA A 254 10.13 3.51 -28.67
C ALA A 254 10.98 4.65 -29.26
N ASN A 255 10.40 5.36 -30.21
CA ASN A 255 11.09 6.50 -30.83
C ASN A 255 11.31 7.72 -29.93
N ARG A 256 10.55 7.77 -28.84
CA ARG A 256 10.67 8.85 -27.84
C ARG A 256 11.67 8.49 -26.71
N ILE A 257 11.98 7.21 -26.57
CA ILE A 257 12.94 6.79 -25.55
C ILE A 257 14.34 7.28 -25.97
N PRO A 258 15.03 8.01 -25.07
CA PRO A 258 16.35 8.57 -25.37
C PRO A 258 17.37 7.51 -25.84
N GLU A 259 18.26 7.89 -26.76
CA GLU A 259 19.16 6.93 -27.42
C GLU A 259 20.15 6.23 -26.49
N GLN A 260 20.47 6.83 -25.34
CA GLN A 260 21.41 6.20 -24.41
C GLN A 260 20.86 4.88 -23.84
N TYR A 261 19.53 4.72 -23.88
CA TYR A 261 18.91 3.45 -23.46
C TYR A 261 18.94 2.48 -24.61
N ILE A 262 20.04 1.74 -24.70
CA ILE A 262 20.29 0.72 -25.71
C ILE A 262 19.25 -0.40 -25.65
N TYR A 263 18.80 -0.71 -24.42
CA TYR A 263 17.90 -1.84 -24.18
C TYR A 263 16.54 -1.35 -23.73
N ILE A 264 15.51 -2.08 -24.14
CA ILE A 264 14.15 -1.79 -23.66
C ILE A 264 13.66 -3.05 -22.96
N ASN A 265 13.30 -2.93 -21.68
CA ASN A 265 12.79 -4.05 -20.90
C ASN A 265 11.24 -3.94 -20.87
N ARG A 266 10.56 -4.87 -21.52
CA ARG A 266 9.07 -4.89 -21.55
C ARG A 266 8.46 -5.92 -20.60
N GLU A 267 9.24 -6.33 -19.60
CA GLU A 267 8.73 -7.10 -18.45
C GLU A 267 8.34 -8.55 -18.79
N GLU A 268 7.45 -9.12 -18.01
CA GLU A 268 7.31 -10.60 -17.98
C GLU A 268 6.08 -11.07 -18.73
N ASP A 269 6.05 -12.37 -19.08
CA ASP A 269 4.83 -12.94 -19.67
C ASP A 269 3.89 -13.59 -18.66
N LEU A 270 4.35 -13.74 -17.40
CA LEU A 270 3.54 -14.30 -16.31
C LEU A 270 3.01 -15.71 -16.59
N GLY A 271 3.65 -16.39 -17.54
CA GLY A 271 3.21 -17.72 -17.94
C GLY A 271 1.92 -17.74 -18.74
N ILE A 272 1.47 -16.56 -19.20
CA ILE A 272 0.26 -16.43 -20.02
C ILE A 272 0.64 -16.64 -21.49
N GLU A 273 0.06 -17.66 -22.11
CA GLU A 273 0.45 -18.11 -23.45
C GLU A 273 0.37 -16.98 -24.51
N GLY A 274 -0.72 -16.20 -24.48
CA GLY A 274 -0.92 -15.07 -25.39
C GLY A 274 0.15 -14.02 -25.26
N LEU A 275 0.45 -13.65 -24.01
CA LEU A 275 1.44 -12.64 -23.69
C LEU A 275 2.83 -13.13 -24.09
N ARG A 276 3.10 -14.42 -23.86
CA ARG A 276 4.41 -14.99 -24.20
C ARG A 276 4.66 -14.94 -25.70
N LYS A 277 3.66 -15.36 -26.49
CA LYS A 277 3.78 -15.27 -27.96
C LYS A 277 3.93 -13.84 -28.45
N ALA A 278 3.16 -12.91 -27.87
CA ALA A 278 3.28 -11.50 -28.18
C ALA A 278 4.71 -10.97 -27.93
N LYS A 279 5.26 -11.25 -26.75
CA LYS A 279 6.57 -10.74 -26.37
C LYS A 279 7.70 -11.43 -27.17
N LEU A 280 7.57 -12.73 -27.42
CA LEU A 280 8.54 -13.39 -28.30
C LEU A 280 8.53 -12.85 -29.74
N SER A 281 7.35 -12.43 -30.21
CA SER A 281 7.16 -11.97 -31.61
C SER A 281 7.94 -10.69 -31.90
N TYR A 282 8.28 -9.92 -30.85
CA TYR A 282 9.07 -8.70 -31.03
C TYR A 282 10.59 -8.97 -30.93
N GLN A 283 10.97 -10.25 -30.86
CA GLN A 283 12.37 -10.66 -31.07
C GLN A 283 13.34 -10.12 -30.01
N PRO A 284 13.19 -10.55 -28.74
CA PRO A 284 14.08 -10.07 -27.69
C PRO A 284 15.52 -10.53 -27.91
N VAL A 285 16.48 -9.70 -27.52
CA VAL A 285 17.90 -10.08 -27.53
C VAL A 285 18.23 -10.93 -26.31
N THR A 286 17.46 -10.76 -25.23
CA THR A 286 17.74 -11.45 -23.98
C THR A 286 16.43 -11.77 -23.29
N ILE A 287 16.33 -13.00 -22.76
CA ILE A 287 15.28 -13.31 -21.83
C ILE A 287 15.96 -13.44 -20.47
N LEU A 288 15.71 -12.45 -19.62
CA LEU A 288 16.46 -12.26 -18.39
C LEU A 288 15.82 -13.10 -17.30
N GLU A 289 16.39 -14.27 -17.01
CA GLU A 289 15.86 -15.14 -15.96
C GLU A 289 16.09 -14.56 -14.58
N LYS A 290 15.21 -14.88 -13.64
CA LYS A 290 15.33 -14.35 -12.29
C LYS A 290 15.26 -15.50 -11.34
N TYR A 291 16.31 -15.65 -10.54
CA TYR A 291 16.34 -16.74 -9.57
C TYR A 291 15.86 -16.33 -8.20
N MET A 292 15.30 -17.28 -7.48
CA MET A 292 15.13 -17.11 -6.06
C MET A 292 16.26 -17.92 -5.41
N ALA A 293 16.98 -17.27 -4.50
CA ALA A 293 18.07 -17.88 -3.76
C ALA A 293 17.64 -17.95 -2.29
N CYS A 294 17.43 -19.16 -1.82
CA CYS A 294 17.06 -19.40 -0.44
C CYS A 294 18.19 -20.11 0.34
N LEU A 295 18.46 -19.63 1.53
CA LEU A 295 19.52 -20.16 2.34
C LEU A 295 19.14 -21.57 2.65
N LYS A 296 20.04 -22.51 2.44
CA LYS A 296 19.87 -23.91 2.83
C LYS A 296 20.04 -24.03 4.33
N ASP A 297 19.04 -24.55 5.03
CA ASP A 297 18.87 -24.35 6.47
C ASP A 297 19.25 -22.95 6.86
N HIS A 298 20.40 -22.82 7.50
CA HIS A 298 20.84 -21.58 8.07
C HIS A 298 22.30 -21.55 8.52
N MET B 1 1.52 23.49 -6.68
CA MET B 1 1.03 22.11 -6.39
C MET B 1 1.40 21.74 -4.95
N ILE B 2 0.43 21.29 -4.15
CA ILE B 2 0.71 20.83 -2.79
C ILE B 2 1.61 19.59 -2.90
N PRO B 3 2.73 19.60 -2.19
CA PRO B 3 3.66 18.49 -2.28
C PRO B 3 3.25 17.34 -1.35
N PHE B 4 2.10 16.74 -1.64
CA PHE B 4 1.71 15.53 -0.94
C PHE B 4 2.79 14.45 -1.02
N LYS B 5 2.99 13.79 0.10
CA LYS B 5 4.02 12.75 0.24
C LYS B 5 3.35 11.48 0.72
N ASP B 6 3.80 10.32 0.27
CA ASP B 6 3.25 9.05 0.79
C ASP B 6 3.56 8.96 2.28
N ILE B 7 2.57 8.56 3.07
CA ILE B 7 2.80 8.37 4.51
C ILE B 7 3.73 7.16 4.72
N THR B 8 4.66 7.30 5.67
CA THR B 8 5.55 6.18 6.00
CA THR B 8 5.54 6.19 5.99
C THR B 8 5.79 6.11 7.50
N LEU B 9 6.35 4.98 7.95
CA LEU B 9 6.77 4.85 9.36
C LEU B 9 7.59 6.04 9.88
N ALA B 10 8.45 6.57 9.01
CA ALA B 10 9.35 7.65 9.43
C ALA B 10 8.62 8.98 9.70
N ASP B 11 7.34 9.06 9.34
CA ASP B 11 6.54 10.29 9.54
C ASP B 11 5.81 10.33 10.88
N ARG B 12 6.11 9.39 11.77
CA ARG B 12 5.44 9.28 13.04
C ARG B 12 5.52 10.60 13.84
N ASP B 13 6.72 11.15 14.00
CA ASP B 13 6.89 12.38 14.81
C ASP B 13 6.14 13.57 14.22
N THR B 14 6.26 13.72 12.91
CA THR B 14 5.64 14.84 12.20
C THR B 14 4.12 14.80 12.39
N ILE B 15 3.54 13.63 12.18
CA ILE B 15 2.09 13.48 12.25
C ILE B 15 1.61 13.61 13.70
N THR B 16 2.23 12.89 14.63
CA THR B 16 1.74 12.95 16.03
C THR B 16 1.97 14.33 16.66
N ALA B 17 2.96 15.08 16.16
CA ALA B 17 3.16 16.46 16.63
C ALA B 17 1.85 17.27 16.43
N PHE B 18 1.10 16.99 15.35
CA PHE B 18 -0.17 17.67 15.07
C PHE B 18 -1.30 17.02 15.85
N THR B 19 -1.39 15.69 15.76
CA THR B 19 -2.58 15.01 16.31
C THR B 19 -2.62 15.00 17.83
N MET B 20 -1.48 14.83 18.49
CA MET B 20 -1.51 14.62 19.94
C MET B 20 -2.07 15.85 20.66
N LYS B 21 -1.67 17.05 20.23
CA LYS B 21 -2.15 18.26 20.90
C LYS B 21 -3.53 18.71 20.43
N SER B 22 -4.06 18.06 19.39
CA SER B 22 -5.35 18.42 18.81
C SER B 22 -6.50 17.90 19.69
N ASP B 23 -7.73 18.37 19.43
CA ASP B 23 -8.91 17.91 20.15
C ASP B 23 -9.61 16.79 19.38
N ARG B 24 -8.94 16.24 18.38
CA ARG B 24 -9.56 15.27 17.49
C ARG B 24 -9.43 13.86 18.07
N ARG B 25 -10.56 13.16 18.15
CA ARG B 25 -10.60 11.84 18.79
C ARG B 25 -10.91 10.71 17.81
N ASN B 26 -11.09 11.03 16.53
CA ASN B 26 -11.45 10.10 15.43
C ASN B 26 -10.37 9.02 15.36
N CYS B 27 -10.75 7.75 15.41
CA CYS B 27 -9.73 6.66 15.33
C CYS B 27 -8.95 6.68 14.02
N ASP B 28 -9.51 7.29 12.98
CA ASP B 28 -8.78 7.34 11.71
C ASP B 28 -7.55 8.24 11.72
N LEU B 29 -7.37 9.00 12.79
CA LEU B 29 -6.18 9.81 13.00
C LEU B 29 -5.06 9.11 13.80
N SER B 30 -5.29 7.87 14.24
CA SER B 30 -4.22 7.04 14.78
C SER B 30 -3.11 6.86 13.72
N PHE B 31 -1.86 7.09 14.11
CA PHE B 31 -0.74 6.88 13.17
C PHE B 31 -0.71 5.44 12.65
N SER B 32 -0.98 4.45 13.50
CA SER B 32 -1.02 3.04 13.03
C SER B 32 -2.14 2.83 12.02
N ASN B 33 -3.33 3.36 12.28
CA ASN B 33 -4.42 3.22 11.33
C ASN B 33 -4.09 3.86 9.96
N LEU B 34 -3.47 5.06 10.00
CA LEU B 34 -3.11 5.77 8.74
C LEU B 34 -2.08 4.94 7.95
N CYS B 35 -1.03 4.45 8.62
CA CYS B 35 0.00 3.65 7.89
C CYS B 35 -0.52 2.31 7.46
N SER B 36 -1.32 1.64 8.29
CA SER B 36 -1.67 0.24 8.04
C SER B 36 -2.68 0.15 6.89
N TRP B 37 -3.40 1.26 6.64
CA TRP B 37 -4.39 1.25 5.54
C TRP B 37 -3.90 1.92 4.26
N ARG B 38 -2.64 2.37 4.29
CA ARG B 38 -2.07 2.98 3.09
C ARG B 38 -2.14 2.06 1.87
N PHE B 39 -1.95 0.73 2.05
CA PHE B 39 -2.00 -0.23 0.91
C PHE B 39 -3.34 -0.10 0.14
N LEU B 40 -4.41 0.32 0.82
CA LEU B 40 -5.75 0.39 0.20
C LEU B 40 -6.02 1.75 -0.44
N TYR B 41 -5.47 2.82 0.16
CA TYR B 41 -5.87 4.18 -0.23
C TYR B 41 -4.76 5.04 -0.87
N ASP B 42 -3.56 4.47 -1.00
CA ASP B 42 -2.39 5.18 -1.55
C ASP B 42 -2.22 6.49 -0.77
N THR B 43 -2.34 6.39 0.55
CA THR B 43 -2.50 7.55 1.43
C THR B 43 -1.30 8.49 1.37
N GLN B 44 -1.59 9.78 1.27
CA GLN B 44 -0.56 10.81 1.29
C GLN B 44 -0.91 11.89 2.31
N PHE B 45 0.10 12.68 2.66
CA PHE B 45 -0.15 13.81 3.57
C PHE B 45 0.70 15.01 3.18
N ALA B 46 0.30 16.17 3.68
CA ALA B 46 1.08 17.39 3.53
C ALA B 46 0.78 18.28 4.71
N VAL B 47 1.71 19.20 4.98
CA VAL B 47 1.44 20.26 5.95
C VAL B 47 1.31 21.53 5.13
N ILE B 48 0.14 22.17 5.25
CA ILE B 48 -0.29 23.30 4.41
C ILE B 48 -0.79 24.41 5.34
N ASP B 49 -0.23 25.61 5.27
CA ASP B 49 -0.68 26.72 6.15
C ASP B 49 -0.92 26.26 7.61
N ASP B 50 0.05 25.55 8.18
CA ASP B 50 -0.02 25.05 9.58
C ASP B 50 -1.14 24.01 9.87
N PHE B 51 -1.62 23.37 8.82
CA PHE B 51 -2.56 22.27 8.98
C PHE B 51 -1.95 20.99 8.43
N LEU B 52 -2.23 19.88 9.08
CA LEU B 52 -1.85 18.56 8.56
C LEU B 52 -3.05 18.05 7.75
N VAL B 53 -2.83 17.63 6.50
CA VAL B 53 -3.94 17.18 5.66
C VAL B 53 -3.59 15.84 5.06
N PHE B 54 -4.57 14.94 5.05
CA PHE B 54 -4.41 13.62 4.41
C PHE B 54 -5.24 13.56 3.13
N LYS B 55 -4.73 12.79 2.16
CA LYS B 55 -5.35 12.58 0.85
C LYS B 55 -5.44 11.06 0.58
N PHE B 56 -6.64 10.61 0.24
CA PHE B 56 -6.96 9.18 0.03
C PHE B 56 -7.64 8.95 -1.32
N TRP B 57 -7.30 7.81 -1.94
CA TRP B 57 -8.00 7.34 -3.14
C TRP B 57 -8.73 6.04 -2.78
N ALA B 58 -10.02 6.02 -2.96
CA ALA B 58 -10.74 4.76 -2.77
C ALA B 58 -11.46 4.47 -4.07
N GLY B 59 -10.81 3.69 -4.94
CA GLY B 59 -11.25 3.50 -6.31
C GLY B 59 -11.43 4.84 -6.99
N GLU B 60 -12.61 5.04 -7.55
CA GLU B 60 -13.01 6.27 -8.22
C GLU B 60 -13.06 7.52 -7.34
N GLN B 61 -13.08 7.33 -6.01
CA GLN B 61 -13.37 8.42 -5.09
C GLN B 61 -12.08 9.00 -4.50
N LEU B 62 -11.94 10.32 -4.60
CA LEU B 62 -10.88 11.08 -3.95
C LEU B 62 -11.49 11.72 -2.71
N ALA B 63 -10.77 11.63 -1.60
CA ALA B 63 -11.24 12.31 -0.38
C ALA B 63 -10.06 12.83 0.43
N TYR B 64 -10.31 13.87 1.20
CA TYR B 64 -9.30 14.45 2.07
C TYR B 64 -9.80 14.36 3.50
N MET B 65 -8.90 14.12 4.45
CA MET B 65 -9.28 14.24 5.86
C MET B 65 -9.51 15.70 6.26
N MET B 66 -10.49 15.94 7.15
CA MET B 66 -10.66 17.27 7.75
C MET B 66 -9.28 17.72 8.27
N PRO B 67 -8.80 18.89 7.81
CA PRO B 67 -7.49 19.39 8.25
C PRO B 67 -7.32 19.43 9.78
N VAL B 68 -6.14 19.02 10.26
CA VAL B 68 -5.82 19.03 11.68
C VAL B 68 -4.88 20.20 11.94
N GLY B 69 -5.26 21.06 12.89
CA GLY B 69 -4.43 22.19 13.28
C GLY B 69 -5.26 23.44 13.55
N ASN B 70 -4.55 24.53 13.79
CA ASN B 70 -5.17 25.83 14.04
CA ASN B 70 -5.19 25.83 14.02
C ASN B 70 -4.58 26.78 12.99
N GLY B 71 -5.24 27.88 12.73
CA GLY B 71 -4.76 28.72 11.61
C GLY B 71 -5.85 28.95 10.59
N ASP B 72 -5.47 29.36 9.39
CA ASP B 72 -6.42 29.92 8.43
C ASP B 72 -7.13 28.81 7.64
N LEU B 73 -8.27 28.36 8.16
CA LEU B 73 -8.97 27.25 7.52
C LEU B 73 -9.42 27.60 6.09
N LYS B 74 -9.88 28.83 5.88
CA LYS B 74 -10.30 29.27 4.54
C LYS B 74 -9.19 29.09 3.51
N ALA B 75 -7.98 29.47 3.90
CA ALA B 75 -6.83 29.41 2.99
C ALA B 75 -6.49 27.96 2.61
N VAL B 76 -6.53 27.08 3.60
CA VAL B 76 -6.23 25.67 3.36
CA VAL B 76 -6.24 25.66 3.36
C VAL B 76 -7.31 25.03 2.48
N LEU B 77 -8.58 25.37 2.76
CA LEU B 77 -9.67 24.87 1.92
C LEU B 77 -9.51 25.29 0.47
N ARG B 78 -9.12 26.55 0.22
CA ARG B 78 -8.88 27.02 -1.17
C ARG B 78 -7.86 26.11 -1.85
N LYS B 79 -6.78 25.81 -1.14
CA LYS B 79 -5.70 25.01 -1.72
C LYS B 79 -6.15 23.56 -1.98
N LEU B 80 -6.93 22.99 -1.06
CA LEU B 80 -7.43 21.62 -1.24
C LEU B 80 -8.46 21.55 -2.40
N ILE B 81 -9.30 22.58 -2.52
CA ILE B 81 -10.25 22.61 -3.65
C ILE B 81 -9.47 22.67 -4.99
N GLU B 82 -8.46 23.52 -5.04
CA GLU B 82 -7.60 23.59 -6.22
C GLU B 82 -6.92 22.26 -6.51
N ASP B 83 -6.54 21.55 -5.45
CA ASP B 83 -5.92 20.21 -5.61
C ASP B 83 -6.92 19.21 -6.21
N ALA B 84 -8.14 19.20 -5.68
CA ALA B 84 -9.21 18.36 -6.22
C ALA B 84 -9.48 18.68 -7.71
N ASP B 85 -9.48 19.98 -8.02
CA ASP B 85 -9.70 20.46 -9.40
C ASP B 85 -8.62 19.91 -10.31
N LYS B 86 -7.39 19.91 -9.84
CA LYS B 86 -6.26 19.39 -10.59
C LYS B 86 -6.46 17.89 -10.84
N GLU B 87 -7.02 17.19 -9.85
CA GLU B 87 -7.30 15.76 -9.97
C GLU B 87 -8.60 15.50 -10.77
N LYS B 88 -9.29 16.58 -11.15
CA LYS B 88 -10.56 16.49 -11.88
C LYS B 88 -11.64 15.74 -11.10
N HIS B 89 -11.69 15.99 -9.80
CA HIS B 89 -12.70 15.40 -8.91
C HIS B 89 -13.38 16.49 -8.08
N ASN B 90 -14.62 16.24 -7.68
CA ASN B 90 -15.24 17.17 -6.74
CA ASN B 90 -15.27 17.15 -6.74
C ASN B 90 -14.51 17.08 -5.41
N PHE B 91 -14.53 18.18 -4.66
CA PHE B 91 -13.83 18.20 -3.37
C PHE B 91 -14.70 17.61 -2.26
N CYS B 92 -14.19 16.58 -1.56
CA CYS B 92 -14.90 15.92 -0.44
C CYS B 92 -13.94 15.70 0.72
N MET B 93 -14.40 16.04 1.92
CA MET B 93 -13.61 15.79 3.13
C MET B 93 -14.30 14.75 3.99
N LEU B 94 -13.49 13.88 4.62
CA LEU B 94 -14.00 12.85 5.53
C LEU B 94 -13.65 13.18 6.96
N GLY B 95 -14.27 12.46 7.89
CA GLY B 95 -13.91 12.57 9.30
C GLY B 95 -14.27 13.90 9.90
N VAL B 96 -15.33 14.52 9.40
CA VAL B 96 -15.75 15.80 9.92
C VAL B 96 -16.62 15.57 11.16
N CYS B 97 -16.10 15.93 12.33
CA CYS B 97 -16.93 15.81 13.54
C CYS B 97 -17.88 16.99 13.61
N SER B 98 -18.82 16.93 14.56
CA SER B 98 -19.87 17.94 14.69
C SER B 98 -19.33 19.36 14.79
N ASN B 99 -18.26 19.56 15.56
CA ASN B 99 -17.61 20.87 15.67
C ASN B 99 -16.99 21.35 14.36
N MET B 100 -16.36 20.43 13.65
CA MET B 100 -15.77 20.69 12.33
C MET B 100 -16.87 21.12 11.34
N ARG B 101 -18.02 20.45 11.39
CA ARG B 101 -19.11 20.77 10.48
C ARG B 101 -19.51 22.26 10.64
N ALA B 102 -19.63 22.69 11.89
CA ALA B 102 -19.96 24.07 12.20
C ALA B 102 -18.91 25.06 11.66
N ASP B 103 -17.64 24.67 11.77
CA ASP B 103 -16.53 25.51 11.27
C ASP B 103 -16.56 25.68 9.75
N LEU B 104 -16.84 24.58 9.04
CA LEU B 104 -16.97 24.63 7.58
C LEU B 104 -18.15 25.49 7.14
N GLU B 105 -19.30 25.32 7.78
CA GLU B 105 -20.50 26.08 7.44
C GLU B 105 -20.25 27.57 7.63
N ALA B 106 -19.37 27.91 8.58
CA ALA B 106 -19.09 29.33 8.88
C ALA B 106 -18.24 29.98 7.80
N ILE B 107 -17.42 29.18 7.11
CA ILE B 107 -16.54 29.69 6.08
C ILE B 107 -17.23 29.76 4.74
N LEU B 108 -17.95 28.69 4.42
CA LEU B 108 -18.60 28.60 3.13
C LEU B 108 -20.05 28.19 3.38
N PRO B 109 -20.86 29.14 3.88
CA PRO B 109 -22.26 28.83 4.17
C PRO B 109 -22.93 28.25 2.94
N GLU B 110 -23.71 27.18 3.14
CA GLU B 110 -24.51 26.54 2.09
C GLU B 110 -23.73 25.85 0.96
N ARG B 111 -22.41 25.85 1.07
CA ARG B 111 -21.58 25.31 0.01
C ARG B 111 -21.35 23.81 0.14
N PHE B 112 -21.42 23.30 1.36
CA PHE B 112 -21.14 21.85 1.58
C PHE B 112 -22.42 21.09 1.77
N ILE B 113 -22.45 19.89 1.20
CA ILE B 113 -23.44 18.88 1.52
C ILE B 113 -22.80 17.92 2.54
N PHE B 114 -23.46 17.76 3.68
CA PHE B 114 -22.98 16.96 4.78
C PHE B 114 -23.76 15.64 4.84
N THR B 115 -23.04 14.52 4.78
CA THR B 115 -23.72 13.22 4.84
C THR B 115 -23.11 12.41 5.99
N GLU B 116 -23.91 11.60 6.67
CA GLU B 116 -23.44 10.87 7.83
C GLU B 116 -24.01 9.46 7.75
N ASP B 117 -23.23 8.49 8.21
CA ASP B 117 -23.66 7.09 8.21
C ASP B 117 -23.27 6.58 9.58
N ARG B 118 -24.27 6.23 10.36
CA ARG B 118 -24.06 5.81 11.74
C ARG B 118 -23.16 4.54 11.84
N ALA B 119 -23.05 3.78 10.74
CA ALA B 119 -22.13 2.63 10.65
C ALA B 119 -20.68 3.05 10.90
N TYR B 120 -20.39 4.33 10.65
CA TYR B 120 -19.01 4.80 10.71
C TYR B 120 -18.70 5.64 11.96
N ALA B 121 -19.67 5.84 12.83
CA ALA B 121 -19.39 6.52 14.10
C ALA B 121 -18.46 5.71 15.01
N ASP B 122 -17.59 6.39 15.75
CA ASP B 122 -16.75 5.72 16.75
C ASP B 122 -17.39 5.62 18.11
N TYR B 123 -17.12 4.52 18.82
CA TYR B 123 -17.56 4.36 20.20
C TYR B 123 -16.44 4.77 21.13
N ILE B 124 -16.75 5.76 21.97
CA ILE B 124 -15.77 6.23 22.92
CA ILE B 124 -15.78 6.29 22.94
C ILE B 124 -16.26 5.97 24.34
N TYR B 125 -15.35 5.44 25.17
CA TYR B 125 -15.65 5.05 26.55
C TYR B 125 -14.69 5.75 27.50
N LEU B 126 -15.07 5.82 28.78
CA LEU B 126 -14.12 6.23 29.80
C LEU B 126 -13.14 5.08 30.08
N ARG B 127 -11.84 5.36 30.05
CA ARG B 127 -10.85 4.37 30.48
C ARG B 127 -11.19 3.85 31.89
N SER B 128 -11.62 4.75 32.77
CA SER B 128 -11.93 4.36 34.14
C SER B 128 -13.07 3.33 34.18
N ASP B 129 -14.07 3.48 33.30
CA ASP B 129 -15.13 2.46 33.16
C ASP B 129 -14.59 1.10 32.70
N LEU B 130 -13.82 1.08 31.62
CA LEU B 130 -13.37 -0.19 31.06
C LEU B 130 -12.32 -0.87 31.93
N ALA B 131 -11.55 -0.08 32.68
CA ALA B 131 -10.44 -0.62 33.49
C ALA B 131 -10.95 -1.14 34.83
N THR B 132 -12.07 -0.60 35.30
CA THR B 132 -12.57 -0.97 36.64
C THR B 132 -13.84 -1.80 36.58
N LEU B 133 -14.65 -1.56 35.55
CA LEU B 133 -15.98 -2.14 35.42
C LEU B 133 -16.84 -1.86 36.67
N LYS B 134 -16.68 -0.68 37.26
CA LYS B 134 -17.44 -0.36 38.47
C LYS B 134 -18.86 0.09 38.13
N GLY B 135 -19.79 -0.17 39.04
CA GLY B 135 -21.14 0.38 38.88
C GLY B 135 -22.14 -0.55 38.24
N LYS B 136 -23.42 -0.27 38.46
CA LYS B 136 -24.50 -1.09 37.91
C LYS B 136 -24.41 -1.29 36.38
N LYS B 137 -24.08 -0.21 35.66
CA LYS B 137 -23.94 -0.29 34.20
C LYS B 137 -23.00 -1.41 33.76
N PHE B 138 -22.01 -1.73 34.60
CA PHE B 138 -21.01 -2.74 34.23
C PHE B 138 -21.16 -4.07 34.96
N GLN B 139 -22.30 -4.23 35.63
CA GLN B 139 -22.51 -5.47 36.39
C GLN B 139 -22.36 -6.75 35.57
N ALA B 140 -22.94 -6.77 34.36
CA ALA B 140 -22.83 -7.96 33.51
C ALA B 140 -21.37 -8.15 33.07
N LYS B 141 -20.67 -7.06 32.79
CA LYS B 141 -19.27 -7.21 32.38
C LYS B 141 -18.44 -7.83 33.51
N ARG B 142 -18.68 -7.41 34.75
CA ARG B 142 -18.00 -7.99 35.93
C ARG B 142 -18.32 -9.46 36.05
N ASN B 143 -19.58 -9.81 35.81
CA ASN B 143 -20.00 -11.21 35.81
C ASN B 143 -19.26 -12.05 34.75
N HIS B 144 -19.11 -11.50 33.54
CA HIS B 144 -18.34 -12.18 32.49
C HIS B 144 -16.87 -12.47 32.90
N ILE B 145 -16.20 -11.46 33.44
CA ILE B 145 -14.78 -11.65 33.82
C ILE B 145 -14.65 -12.59 35.02
N ASN B 146 -15.58 -12.48 35.97
CA ASN B 146 -15.58 -13.39 37.11
C ASN B 146 -15.83 -14.84 36.66
N ARG B 147 -16.72 -15.01 35.67
CA ARG B 147 -16.97 -16.33 35.09
C ARG B 147 -15.75 -16.87 34.36
N PHE B 148 -15.06 -16.00 33.61
CA PHE B 148 -13.81 -16.38 32.96
C PHE B 148 -12.76 -16.82 33.99
N ARG B 149 -12.60 -16.04 35.05
CA ARG B 149 -11.65 -16.36 36.11
C ARG B 149 -11.93 -17.72 36.73
N ASN B 150 -13.21 -18.03 36.92
CA ASN B 150 -13.62 -19.30 37.51
C ASN B 150 -13.39 -20.48 36.60
N THR B 151 -13.56 -20.25 35.31
CA THR B 151 -13.49 -21.31 34.30
C THR B 151 -12.05 -21.59 33.91
N TYR B 152 -11.26 -20.52 33.83
CA TYR B 152 -9.88 -20.59 33.40
C TYR B 152 -8.96 -19.91 34.43
N PRO B 153 -8.81 -20.50 35.62
CA PRO B 153 -8.11 -19.83 36.73
C PRO B 153 -6.62 -19.61 36.46
N ASP B 154 -6.08 -20.38 35.53
CA ASP B 154 -4.66 -20.35 35.18
C ASP B 154 -4.35 -19.52 33.95
N TYR B 155 -5.29 -18.71 33.53
CA TYR B 155 -5.02 -17.85 32.38
C TYR B 155 -3.86 -16.90 32.62
N GLU B 156 -3.23 -16.43 31.53
CA GLU B 156 -2.08 -15.55 31.61
C GLU B 156 -2.27 -14.43 30.61
N TYR B 157 -2.07 -13.20 31.06
CA TYR B 157 -2.06 -12.05 30.13
C TYR B 157 -0.62 -11.56 29.98
N THR B 158 -0.18 -11.35 28.75
CA THR B 158 1.18 -10.82 28.52
C THR B 158 1.09 -9.67 27.54
N PRO B 159 1.95 -8.65 27.70
CA PRO B 159 2.06 -7.61 26.68
C PRO B 159 2.55 -8.21 25.35
N ILE B 160 2.20 -7.59 24.23
CA ILE B 160 2.78 -7.96 22.95
C ILE B 160 4.23 -7.46 22.87
N THR B 161 5.14 -8.35 22.48
CA THR B 161 6.52 -7.98 22.18
C THR B 161 6.82 -8.49 20.78
N PRO B 162 7.78 -7.85 20.08
CA PRO B 162 8.12 -8.29 18.71
C PRO B 162 8.25 -9.82 18.59
N ASP B 163 8.73 -10.46 19.66
CA ASP B 163 8.97 -11.92 19.68
C ASP B 163 7.68 -12.76 19.63
N ARG B 164 6.55 -12.12 19.91
CA ARG B 164 5.25 -12.80 20.03
C ARG B 164 4.34 -12.54 18.81
N ILE B 165 4.79 -11.70 17.88
CA ILE B 165 3.99 -11.25 16.73
C ILE B 165 3.59 -12.35 15.72
N GLN B 166 4.55 -13.10 15.21
CA GLN B 166 4.23 -14.08 14.18
C GLN B 166 3.16 -15.09 14.64
N GLU B 167 3.21 -15.46 15.92
CA GLU B 167 2.22 -16.41 16.42
C GLU B 167 0.82 -15.81 16.41
N CYS B 168 0.70 -14.55 16.87
CA CYS B 168 -0.53 -13.77 16.73
C CYS B 168 -1.05 -13.78 15.29
N LEU B 169 -0.17 -13.60 14.29
CA LEU B 169 -0.61 -13.63 12.91
C LEU B 169 -1.12 -15.02 12.49
N ASP B 170 -0.38 -16.04 12.89
CA ASP B 170 -0.72 -17.40 12.49
C ASP B 170 -2.06 -17.81 13.07
N LEU B 171 -2.23 -17.48 14.35
CA LEU B 171 -3.47 -17.73 15.05
C LEU B 171 -4.65 -16.96 14.50
N GLU B 172 -4.47 -15.68 14.19
CA GLU B 172 -5.55 -14.90 13.58
C GLU B 172 -6.09 -15.53 12.29
N ALA B 173 -5.16 -16.07 11.49
CA ALA B 173 -5.55 -16.71 10.25
C ALA B 173 -6.35 -17.99 10.57
N GLU B 174 -5.88 -18.74 11.57
CA GLU B 174 -6.55 -19.97 11.97
C GLU B 174 -7.99 -19.67 12.45
N TRP B 175 -8.15 -18.68 13.33
CA TRP B 175 -9.49 -18.31 13.86
C TRP B 175 -10.46 -17.86 12.76
N CYS B 176 -9.98 -17.00 11.85
CA CYS B 176 -10.77 -16.56 10.71
C CYS B 176 -11.28 -17.79 9.92
N LYS B 177 -10.35 -18.72 9.66
CA LYS B 177 -10.62 -19.88 8.83
C LYS B 177 -11.71 -20.74 9.48
N VAL B 178 -11.70 -20.82 10.81
CA VAL B 178 -12.74 -21.55 11.57
C VAL B 178 -14.11 -20.89 11.37
N ASN B 179 -14.14 -19.57 11.47
CA ASN B 179 -15.37 -18.81 11.25
C ASN B 179 -15.67 -18.47 9.79
N ASN B 180 -14.97 -19.14 8.87
CA ASN B 180 -15.00 -18.79 7.44
C ASN B 180 -15.08 -17.31 7.16
N CYS B 181 -14.09 -16.57 7.64
CA CYS B 181 -14.12 -15.12 7.50
C CYS B 181 -13.74 -14.68 6.08
N ASP B 182 -13.15 -15.59 5.29
CA ASP B 182 -13.28 -15.51 3.84
C ASP B 182 -14.78 -15.73 3.65
N GLN B 183 -15.42 -14.91 2.82
CA GLN B 183 -16.89 -14.93 2.64
C GLN B 183 -17.56 -13.84 3.45
N GLN B 184 -16.74 -13.07 4.17
CA GLN B 184 -17.23 -11.84 4.78
C GLN B 184 -16.54 -10.67 4.10
N GLU B 185 -17.36 -9.72 3.61
CA GLU B 185 -16.82 -8.55 2.93
C GLU B 185 -15.72 -7.88 3.77
N GLY B 186 -14.61 -7.55 3.13
CA GLY B 186 -13.61 -6.66 3.72
C GLY B 186 -12.54 -7.32 4.58
N THR B 187 -12.68 -8.62 4.84
CA THR B 187 -11.74 -9.29 5.75
C THR B 187 -10.34 -9.43 5.15
N GLY B 188 -10.24 -9.63 3.83
CA GLY B 188 -8.94 -9.61 3.12
C GLY B 188 -8.17 -8.32 3.36
N ASN B 189 -8.85 -7.19 3.17
CA ASN B 189 -8.29 -5.86 3.43
C ASN B 189 -7.93 -5.68 4.90
N GLU B 190 -8.84 -6.10 5.79
CA GLU B 190 -8.54 -6.05 7.23
C GLU B 190 -7.29 -6.85 7.56
N ARG B 191 -7.14 -8.04 6.97
CA ARG B 191 -5.93 -8.86 7.17
C ARG B 191 -4.63 -8.14 6.72
N ARG B 192 -4.67 -7.46 5.56
CA ARG B 192 -3.49 -6.71 5.09
C ARG B 192 -3.09 -5.65 6.10
N ALA B 193 -4.09 -4.96 6.64
CA ALA B 193 -3.85 -3.90 7.62
C ALA B 193 -3.35 -4.47 8.95
N LEU B 194 -3.89 -5.62 9.38
CA LEU B 194 -3.38 -6.33 10.57
C LEU B 194 -1.91 -6.75 10.45
N ILE B 195 -1.58 -7.29 9.29
CA ILE B 195 -0.23 -7.78 9.01
C ILE B 195 0.77 -6.62 9.05
N TYR B 196 0.44 -5.53 8.37
CA TYR B 196 1.34 -4.37 8.36
C TYR B 196 1.58 -3.93 9.81
N ALA B 197 0.50 -3.78 10.57
CA ALA B 197 0.59 -3.29 11.95
C ALA B 197 1.49 -4.20 12.81
N LEU B 198 1.26 -5.49 12.74
CA LEU B 198 2.05 -6.42 13.55
C LEU B 198 3.52 -6.47 13.09
N HIS B 199 3.75 -6.47 11.79
CA HIS B 199 5.11 -6.47 11.25
C HIS B 199 5.88 -5.21 11.68
N ASN B 200 5.19 -4.08 11.80
CA ASN B 200 5.87 -2.81 12.09
C ASN B 200 5.50 -2.27 13.47
N PHE B 201 5.25 -3.18 14.39
CA PHE B 201 4.57 -2.88 15.66
C PHE B 201 5.29 -1.81 16.47
N GLU B 202 6.60 -1.98 16.65
CA GLU B 202 7.39 -1.02 17.43
C GLU B 202 7.56 0.35 16.73
N ALA B 203 7.87 0.34 15.43
CA ALA B 203 8.03 1.56 14.63
C ALA B 203 6.76 2.43 14.68
N LEU B 204 5.62 1.77 14.68
CA LEU B 204 4.34 2.47 14.69
C LEU B 204 4.03 3.11 16.03
N GLY B 205 4.52 2.50 17.10
CA GLY B 205 4.26 2.98 18.47
C GLY B 205 3.06 2.30 19.12
N LEU B 206 2.70 1.13 18.60
CA LEU B 206 1.64 0.31 19.21
C LEU B 206 2.06 -0.34 20.53
N THR B 207 1.05 -0.59 21.37
CA THR B 207 1.18 -1.48 22.53
CA THR B 207 1.17 -1.45 22.55
C THR B 207 0.00 -2.45 22.48
N GLY B 208 0.11 -3.58 23.17
CA GLY B 208 -0.94 -4.59 23.05
C GLY B 208 -0.78 -5.69 24.05
N GLY B 209 -1.69 -6.65 23.99
CA GLY B 209 -1.73 -7.69 24.99
C GLY B 209 -2.14 -8.99 24.33
N ILE B 210 -1.82 -10.08 25.00
CA ILE B 210 -2.15 -11.42 24.56
C ILE B 210 -2.68 -12.17 25.76
N LEU B 211 -3.76 -12.90 25.54
CA LEU B 211 -4.34 -13.80 26.54
C LEU B 211 -4.02 -15.26 26.20
N HIS B 212 -3.58 -16.01 27.21
CA HIS B 212 -3.27 -17.42 27.07
C HIS B 212 -4.17 -18.20 28.02
N VAL B 213 -4.65 -19.34 27.54
CA VAL B 213 -5.45 -20.27 28.35
C VAL B 213 -4.98 -21.68 28.01
N ASN B 214 -4.67 -22.45 29.06
CA ASN B 214 -4.12 -23.82 28.94
C ASN B 214 -2.92 -23.85 27.98
N GLY B 215 -2.00 -22.91 28.17
CA GLY B 215 -0.76 -22.88 27.41
C GLY B 215 -0.81 -22.42 25.97
N LYS B 216 -1.98 -21.99 25.48
CA LYS B 216 -2.08 -21.46 24.11
C LYS B 216 -2.62 -20.05 24.07
N ILE B 217 -2.16 -19.27 23.09
CA ILE B 217 -2.77 -17.97 22.88
C ILE B 217 -4.22 -18.11 22.43
N VAL B 218 -5.12 -17.38 23.07
CA VAL B 218 -6.54 -17.39 22.71
C VAL B 218 -7.11 -16.01 22.37
N ALA B 219 -6.32 -14.95 22.53
CA ALA B 219 -6.81 -13.62 22.14
C ALA B 219 -5.61 -12.67 22.05
N PHE B 220 -5.73 -11.63 21.26
CA PHE B 220 -4.74 -10.54 21.32
C PHE B 220 -5.41 -9.22 20.97
N THR B 221 -4.77 -8.12 21.33
CA THR B 221 -5.36 -6.78 21.14
C THR B 221 -4.24 -5.79 21.04
N PHE B 222 -4.45 -4.71 20.28
CA PHE B 222 -3.44 -3.65 20.24
C PHE B 222 -4.03 -2.31 19.87
N GLY B 223 -3.26 -1.25 20.13
CA GLY B 223 -3.70 0.09 19.76
C GLY B 223 -2.63 1.09 20.17
N MET B 224 -2.98 2.36 20.07
CA MET B 224 -2.04 3.41 20.43
C MET B 224 -2.78 4.73 20.64
N PRO B 225 -2.09 5.74 21.19
CA PRO B 225 -2.81 7.02 21.39
C PRO B 225 -3.32 7.65 20.11
N ILE B 226 -4.47 8.31 20.21
CA ILE B 226 -5.02 9.07 19.07
C ILE B 226 -4.74 10.57 19.32
N ASN B 227 -5.03 11.03 20.53
CA ASN B 227 -4.58 12.37 20.95
C ASN B 227 -4.15 12.31 22.43
N HIS B 228 -3.89 13.48 23.04
CA HIS B 228 -3.25 13.55 24.36
C HIS B 228 -4.10 12.87 25.43
N GLU B 229 -5.39 12.71 25.16
CA GLU B 229 -6.33 12.15 26.16
C GLU B 229 -7.21 10.99 25.69
N THR B 230 -6.90 10.47 24.51
CA THR B 230 -7.68 9.41 23.87
C THR B 230 -6.75 8.32 23.33
N PHE B 231 -6.96 7.08 23.81
CA PHE B 231 -6.23 5.92 23.33
C PHE B 231 -7.14 5.13 22.41
N GLY B 232 -6.63 4.68 21.27
CA GLY B 232 -7.43 3.89 20.32
C GLY B 232 -7.08 2.42 20.45
N VAL B 233 -8.08 1.57 20.65
CA VAL B 233 -7.88 0.13 20.55
C VAL B 233 -8.29 -0.26 19.15
N HIS B 234 -7.31 -0.67 18.34
CA HIS B 234 -7.53 -0.82 16.89
C HIS B 234 -8.00 -2.23 16.54
N VAL B 235 -7.51 -3.21 17.28
CA VAL B 235 -7.78 -4.63 17.00
C VAL B 235 -8.00 -5.40 18.29
N GLU B 236 -8.98 -6.31 18.25
CA GLU B 236 -9.24 -7.26 19.34
C GLU B 236 -9.75 -8.54 18.74
N LYS B 237 -8.96 -9.60 18.82
CA LYS B 237 -9.28 -10.86 18.12
C LYS B 237 -9.24 -11.96 19.16
N ALA B 238 -10.12 -12.94 19.05
CA ALA B 238 -10.10 -14.06 20.00
C ALA B 238 -10.51 -15.37 19.34
N ASP B 239 -10.05 -16.46 19.94
CA ASP B 239 -10.55 -17.82 19.69
C ASP B 239 -11.97 -17.84 20.22
N THR B 240 -12.92 -17.93 19.29
CA THR B 240 -14.35 -17.93 19.62
C THR B 240 -14.80 -19.15 20.43
N SER B 241 -13.96 -20.19 20.52
CA SER B 241 -14.30 -21.34 21.38
C SER B 241 -14.12 -21.05 22.89
N ILE B 242 -13.52 -19.91 23.22
CA ILE B 242 -13.19 -19.60 24.62
C ILE B 242 -14.13 -18.53 25.16
N ASP B 243 -15.16 -18.96 25.88
CA ASP B 243 -16.14 -18.01 26.41
CA ASP B 243 -16.16 -18.05 26.47
C ASP B 243 -15.50 -16.97 27.31
N GLY B 244 -15.79 -15.70 27.03
CA GLY B 244 -15.30 -14.61 27.87
C GLY B 244 -13.92 -14.08 27.53
N ALA B 245 -13.26 -14.64 26.52
CA ALA B 245 -11.91 -14.19 26.14
C ALA B 245 -11.88 -12.72 25.69
N TYR B 246 -12.93 -12.28 24.97
CA TYR B 246 -13.04 -10.86 24.55
C TYR B 246 -13.14 -9.95 25.74
N ALA B 247 -14.00 -10.32 26.69
CA ALA B 247 -14.22 -9.50 27.88
C ALA B 247 -12.94 -9.44 28.71
N MET B 248 -12.25 -10.57 28.84
CA MET B 248 -11.06 -10.60 29.67
C MET B 248 -9.92 -9.77 29.09
N ILE B 249 -9.64 -9.92 27.80
CA ILE B 249 -8.51 -9.18 27.24
C ILE B 249 -8.77 -7.67 27.20
N ASN B 250 -10.03 -7.30 26.95
CA ASN B 250 -10.47 -5.90 27.01
C ASN B 250 -10.06 -5.30 28.36
N TYR B 251 -10.45 -5.99 29.44
CA TYR B 251 -10.23 -5.55 30.80
C TYR B 251 -8.73 -5.44 31.13
N GLU B 252 -7.99 -6.50 30.82
CA GLU B 252 -6.54 -6.52 31.12
C GLU B 252 -5.83 -5.39 30.35
N PHE B 253 -6.12 -5.25 29.06
CA PHE B 253 -5.43 -4.22 28.28
C PHE B 253 -5.81 -2.80 28.75
N ALA B 254 -7.10 -2.60 29.06
CA ALA B 254 -7.56 -1.29 29.53
C ALA B 254 -6.74 -0.84 30.74
N ASN B 255 -6.41 -1.80 31.60
CA ASN B 255 -5.60 -1.52 32.78
C ASN B 255 -4.13 -1.21 32.49
N ARG B 256 -3.66 -1.55 31.28
CA ARG B 256 -2.27 -1.21 30.85
C ARG B 256 -2.20 0.13 30.08
N ILE B 257 -3.35 0.65 29.66
CA ILE B 257 -3.40 1.93 28.97
C ILE B 257 -3.06 3.02 30.01
N PRO B 258 -2.05 3.86 29.73
CA PRO B 258 -1.65 4.91 30.68
C PRO B 258 -2.81 5.80 31.12
N GLU B 259 -2.80 6.21 32.39
CA GLU B 259 -3.97 6.92 32.93
C GLU B 259 -4.25 8.32 32.34
N GLN B 260 -3.28 8.93 31.64
CA GLN B 260 -3.58 10.23 30.95
C GLN B 260 -4.65 10.08 29.86
N TYR B 261 -4.83 8.85 29.38
CA TYR B 261 -5.83 8.57 28.31
C TYR B 261 -7.18 8.36 28.96
N ILE B 262 -7.87 9.49 29.22
CA ILE B 262 -9.22 9.58 29.81
CA ILE B 262 -9.17 9.44 29.89
C ILE B 262 -10.20 8.72 29.02
N TYR B 263 -10.05 8.79 27.69
CA TYR B 263 -11.00 8.14 26.77
C TYR B 263 -10.36 6.98 26.02
N ILE B 264 -11.17 5.95 25.74
CA ILE B 264 -10.75 4.85 24.89
C ILE B 264 -11.68 4.79 23.67
N ASN B 265 -11.10 4.81 22.48
CA ASN B 265 -11.90 4.77 21.25
C ASN B 265 -11.78 3.34 20.71
N ARG B 266 -12.91 2.61 20.68
CA ARG B 266 -12.90 1.25 20.16
C ARG B 266 -13.55 1.16 18.76
N GLU B 267 -13.57 2.28 18.05
CA GLU B 267 -13.89 2.30 16.62
C GLU B 267 -15.36 2.02 16.31
N GLU B 268 -15.66 1.54 15.10
CA GLU B 268 -17.04 1.60 14.56
C GLU B 268 -17.73 0.24 14.58
N ASP B 269 -19.05 0.25 14.40
CA ASP B 269 -19.77 -1.00 14.36
C ASP B 269 -20.07 -1.48 12.93
N LEU B 270 -19.76 -0.63 11.96
CA LEU B 270 -19.92 -0.95 10.52
C LEU B 270 -21.34 -1.30 10.09
N GLY B 271 -22.32 -0.95 10.93
CA GLY B 271 -23.74 -1.27 10.68
C GLY B 271 -24.04 -2.75 10.87
N ILE B 272 -23.12 -3.48 11.48
CA ILE B 272 -23.35 -4.90 11.80
C ILE B 272 -24.14 -5.00 13.10
N GLU B 273 -25.34 -5.58 13.02
CA GLU B 273 -26.27 -5.67 14.15
C GLU B 273 -25.62 -6.17 15.46
N GLY B 274 -24.91 -7.30 15.38
CA GLY B 274 -24.28 -7.92 16.54
C GLY B 274 -23.13 -7.08 17.09
N LEU B 275 -22.40 -6.43 16.20
CA LEU B 275 -21.30 -5.56 16.63
C LEU B 275 -21.82 -4.28 17.32
N ARG B 276 -22.85 -3.68 16.76
CA ARG B 276 -23.51 -2.53 17.40
C ARG B 276 -23.97 -2.90 18.80
N LYS B 277 -24.60 -4.07 18.93
CA LYS B 277 -25.05 -4.55 20.24
C LYS B 277 -23.87 -4.69 21.22
N ALA B 278 -22.78 -5.29 20.75
CA ALA B 278 -21.59 -5.50 21.59
C ALA B 278 -20.97 -4.16 22.05
N LYS B 279 -20.79 -3.24 21.11
CA LYS B 279 -20.20 -1.95 21.44
C LYS B 279 -21.12 -1.09 22.36
N LEU B 280 -22.43 -1.16 22.14
CA LEU B 280 -23.34 -0.43 23.02
C LEU B 280 -23.39 -1.05 24.41
N SER B 281 -23.11 -2.35 24.53
CA SER B 281 -23.19 -3.03 25.82
C SER B 281 -22.13 -2.53 26.81
N TYR B 282 -21.05 -1.96 26.27
CA TYR B 282 -20.00 -1.36 27.13
C TYR B 282 -20.25 0.11 27.46
N GLN B 283 -21.43 0.63 27.14
CA GLN B 283 -21.90 1.91 27.74
C GLN B 283 -21.02 3.11 27.34
N PRO B 284 -20.95 3.40 26.01
CA PRO B 284 -20.04 4.46 25.54
C PRO B 284 -20.45 5.81 26.12
N VAL B 285 -19.48 6.66 26.44
CA VAL B 285 -19.81 8.01 26.85
C VAL B 285 -20.15 8.90 25.66
N THR B 286 -19.59 8.60 24.49
CA THR B 286 -19.81 9.39 23.28
C THR B 286 -19.90 8.44 22.10
N ILE B 287 -20.87 8.65 21.23
CA ILE B 287 -20.87 8.00 19.91
C ILE B 287 -20.50 9.11 18.92
N LEU B 288 -19.30 9.01 18.37
CA LEU B 288 -18.66 10.12 17.67
C LEU B 288 -19.03 10.06 16.19
N GLU B 289 -20.00 10.90 15.79
CA GLU B 289 -20.44 10.93 14.38
C GLU B 289 -19.33 11.49 13.50
N LYS B 290 -19.26 11.01 12.25
CA LYS B 290 -18.27 11.47 11.25
C LYS B 290 -19.03 11.83 10.00
N TYR B 291 -18.97 13.08 9.61
CA TYR B 291 -19.63 13.50 8.37
C TYR B 291 -18.64 13.46 7.23
N MET B 292 -19.18 13.17 6.05
CA MET B 292 -18.52 13.53 4.81
CA MET B 292 -18.55 13.51 4.78
C MET B 292 -19.07 14.88 4.35
N ALA B 293 -18.19 15.75 3.89
CA ALA B 293 -18.58 17.10 3.48
C ALA B 293 -18.11 17.30 2.04
N CYS B 294 -19.04 17.45 1.11
CA CYS B 294 -18.71 17.53 -0.31
C CYS B 294 -19.17 18.87 -0.87
N LEU B 295 -18.33 19.48 -1.69
CA LEU B 295 -18.62 20.82 -2.19
C LEU B 295 -19.79 20.70 -3.16
N LYS B 296 -20.76 21.59 -3.05
CA LYS B 296 -21.98 21.53 -3.85
C LYS B 296 -21.73 21.81 -5.30
#